data_3MOW
#
_entry.id   3MOW
#
_cell.length_a   39.542
_cell.length_b   75.977
_cell.length_c   48.376
_cell.angle_alpha   90.00
_cell.angle_beta   98.86
_cell.angle_gamma   90.00
#
_symmetry.space_group_name_H-M   'P 1 21 1'
#
loop_
_entity.id
_entity.type
_entity.pdbx_description
1 polymer 'Tyrosine-protein phosphatase non-receptor type 11'
2 non-polymer '(2Z)-2-[(1R)-3-{[(1R,2S,3R,6S,7S,10S,12S,15E,17E)-18-carboxy-16-ethyl-3,7-dihydroxy-1,2,6,10,12-pentamethyl-5-oxooctade ca-15,17-dien-1-yl]oxy}-1-hydroxy-3-oxopropyl]-3-methylbut-2-enedioic acid'
3 water water
#
_entity_poly.entity_id   1
_entity_poly.type   'polypeptide(L)'
_entity_poly.pdbx_seq_one_letter_code
;MLYSRKEGQRQENKNKNRYKNILPFDHTRVVLHDGDPNEPVSDYINANIIMPEFETKCNNSKPKKSYIATQGCLQNTVND
FWRMVFQENSRVIVMTTKEVERGKSKCVKYWPDEYALKEYGVMRVRNVKESAAHDYTLRELKLSKVGQGNTERTVWQYHF
RTWPDHGVPSDPGGVLDFLEEVHHKQESIMDAGPVVVHCSAGIGRTGTFIVIDILIDIIREKGVDCDIDVPKTIQMVRSQ
RSGMVQTEAQYRFIYMAVQHYIETLQRRLEHHHHHH
;
_entity_poly.pdbx_strand_id   A
#
# COMPACT_ATOMS: atom_id res chain seq x y z
N LEU A 2 6.08 18.44 -16.65
CA LEU A 2 6.01 16.95 -16.69
C LEU A 2 5.66 16.37 -15.32
N TYR A 3 5.08 17.20 -14.45
CA TYR A 3 4.69 16.77 -13.12
C TYR A 3 3.43 17.48 -12.61
N SER A 4 2.28 17.13 -13.18
CA SER A 4 1.02 17.74 -12.78
C SER A 4 0.19 16.88 -11.83
N ARG A 5 -0.81 17.50 -11.21
CA ARG A 5 -1.70 16.81 -10.29
C ARG A 5 -3.11 17.32 -10.56
N LYS A 6 -3.37 17.60 -11.84
CA LYS A 6 -4.65 18.12 -12.31
C LYS A 6 -5.85 17.28 -11.84
N GLU A 7 -5.89 16.03 -12.28
CA GLU A 7 -7.00 15.14 -11.93
C GLU A 7 -7.35 15.15 -10.46
N GLY A 8 -6.34 15.09 -9.59
CA GLY A 8 -6.60 15.07 -8.17
C GLY A 8 -7.23 16.36 -7.65
N GLN A 9 -7.05 17.45 -8.39
CA GLN A 9 -7.58 18.75 -8.02
C GLN A 9 -9.00 19.02 -8.53
N ARG A 10 -9.45 18.25 -9.52
CA ARG A 10 -10.78 18.44 -10.08
C ARG A 10 -11.86 18.46 -9.00
N GLN A 11 -12.82 19.37 -9.18
CA GLN A 11 -13.92 19.54 -8.24
C GLN A 11 -14.66 18.25 -7.89
N GLU A 12 -14.70 17.32 -8.83
CA GLU A 12 -15.42 16.07 -8.60
C GLU A 12 -14.67 15.03 -7.78
N ASN A 13 -13.36 15.24 -7.58
CA ASN A 13 -12.57 14.29 -6.81
C ASN A 13 -12.17 14.82 -5.44
N LYS A 14 -12.64 16.01 -5.11
CA LYS A 14 -12.31 16.64 -3.82
C LYS A 14 -12.65 15.78 -2.61
N ASN A 15 -13.73 15.02 -2.72
CA ASN A 15 -14.19 14.16 -1.64
C ASN A 15 -13.46 12.81 -1.63
N LYS A 16 -12.65 12.57 -2.64
CA LYS A 16 -11.92 11.32 -2.75
C LYS A 16 -10.48 11.42 -2.22
N ASN A 17 -10.19 12.50 -1.50
CA ASN A 17 -8.85 12.70 -0.94
C ASN A 17 -9.01 12.95 0.56
N ARG A 18 -8.19 12.31 1.38
CA ARG A 18 -8.30 12.52 2.82
C ARG A 18 -7.67 13.88 3.19
N TYR A 19 -6.84 14.40 2.29
CA TYR A 19 -6.16 15.69 2.47
C TYR A 19 -6.11 16.39 1.12
N LYS A 20 -6.82 17.50 1.00
CA LYS A 20 -6.87 18.26 -0.24
C LYS A 20 -5.49 18.59 -0.79
N ASN A 21 -4.52 18.70 0.10
CA ASN A 21 -3.15 19.06 -0.28
C ASN A 21 -2.21 17.89 -0.62
N ILE A 22 -2.68 16.66 -0.42
CA ILE A 22 -1.87 15.49 -0.71
C ILE A 22 -2.49 14.74 -1.89
N LEU A 23 -2.00 15.05 -3.09
CA LEU A 23 -2.53 14.46 -4.31
C LEU A 23 -1.55 13.66 -5.14
N PRO A 24 -2.06 12.82 -6.07
CA PRO A 24 -1.23 11.98 -6.95
C PRO A 24 -0.83 12.65 -8.26
N PHE A 25 0.40 12.41 -8.70
CA PHE A 25 0.88 12.96 -9.95
C PHE A 25 0.05 12.29 -11.03
N ASP A 26 -0.24 13.02 -12.10
CA ASP A 26 -1.06 12.48 -13.18
C ASP A 26 -0.40 11.35 -13.97
N HIS A 27 0.90 11.46 -14.22
CA HIS A 27 1.59 10.44 -15.00
C HIS A 27 1.75 9.08 -14.33
N THR A 28 1.72 9.05 -13.00
CA THR A 28 1.85 7.78 -12.29
C THR A 28 0.56 7.41 -11.56
N ARG A 29 -0.45 8.24 -11.79
CA ARG A 29 -1.77 8.09 -11.21
C ARG A 29 -2.42 6.76 -11.63
N VAL A 30 -3.11 6.10 -10.71
CA VAL A 30 -3.79 4.86 -11.03
C VAL A 30 -5.13 5.25 -11.66
N VAL A 31 -5.28 4.95 -12.95
CA VAL A 31 -6.50 5.28 -13.67
C VAL A 31 -7.48 4.11 -13.58
N LEU A 32 -8.66 4.39 -13.05
CA LEU A 32 -9.70 3.37 -12.88
C LEU A 32 -10.67 3.35 -14.05
N HIS A 33 -10.69 2.23 -14.78
CA HIS A 33 -11.57 2.07 -15.93
C HIS A 33 -12.83 1.29 -15.54
N ASP A 34 -13.85 1.38 -16.39
CA ASP A 34 -15.11 0.69 -16.15
C ASP A 34 -15.73 0.91 -14.78
N GLY A 35 -16.12 2.16 -14.52
CA GLY A 35 -16.77 2.50 -13.26
C GLY A 35 -18.19 2.91 -13.56
N ASP A 36 -18.98 3.15 -12.51
CA ASP A 36 -20.38 3.56 -12.68
C ASP A 36 -20.50 4.72 -13.65
N PRO A 37 -21.19 4.51 -14.79
CA PRO A 37 -21.33 5.60 -15.75
C PRO A 37 -22.19 6.75 -15.22
N ASN A 38 -22.88 6.51 -14.12
CA ASN A 38 -23.73 7.54 -13.51
C ASN A 38 -22.93 8.57 -12.68
N GLU A 39 -21.69 8.24 -12.31
CA GLU A 39 -20.88 9.15 -11.51
C GLU A 39 -20.12 10.15 -12.40
N PRO A 40 -20.10 11.42 -12.01
CA PRO A 40 -19.40 12.48 -12.78
C PRO A 40 -18.04 12.02 -13.24
N VAL A 41 -17.23 11.54 -12.30
CA VAL A 41 -15.90 11.04 -12.57
C VAL A 41 -15.80 9.71 -11.83
N SER A 42 -15.22 8.70 -12.49
CA SER A 42 -15.10 7.39 -11.86
C SER A 42 -13.76 6.73 -12.13
N ASP A 43 -12.82 7.47 -12.71
CA ASP A 43 -11.52 6.90 -13.01
C ASP A 43 -10.47 7.39 -12.01
N TYR A 44 -10.93 7.94 -10.89
CA TYR A 44 -10.00 8.47 -9.91
C TYR A 44 -9.92 7.82 -8.54
N ILE A 45 -8.69 7.80 -8.02
CA ILE A 45 -8.38 7.29 -6.70
C ILE A 45 -7.01 7.83 -6.36
N ASN A 46 -6.85 8.26 -5.12
CA ASN A 46 -5.59 8.81 -4.67
C ASN A 46 -4.60 7.67 -4.49
N ALA A 47 -3.90 7.31 -5.56
CA ALA A 47 -2.92 6.23 -5.52
C ALA A 47 -1.99 6.32 -6.71
N ASN A 48 -0.72 6.01 -6.51
CA ASN A 48 0.23 6.06 -7.60
C ASN A 48 1.00 4.77 -7.71
N ILE A 49 1.33 4.41 -8.95
CA ILE A 49 2.12 3.23 -9.20
C ILE A 49 3.56 3.63 -8.92
N ILE A 50 4.23 2.85 -8.08
CA ILE A 50 5.62 3.13 -7.75
C ILE A 50 6.46 1.98 -8.28
N MET A 51 7.25 2.24 -9.30
CA MET A 51 8.08 1.20 -9.91
C MET A 51 9.55 1.55 -9.72
N PRO A 52 10.34 0.63 -9.13
CA PRO A 52 11.76 0.89 -8.92
C PRO A 52 12.46 1.16 -10.26
N GLU A 53 13.55 1.90 -10.23
CA GLU A 53 14.28 2.22 -11.44
C GLU A 53 15.74 2.55 -11.11
N LYS A 65 9.05 -6.06 -9.74
CA LYS A 65 8.18 -5.79 -8.60
C LYS A 65 7.85 -4.31 -8.48
N SER A 66 6.57 -3.98 -8.52
CA SER A 66 6.12 -2.61 -8.42
C SER A 66 5.18 -2.47 -7.21
N TYR A 67 4.90 -1.24 -6.81
CA TYR A 67 4.04 -0.98 -5.66
C TYR A 67 2.93 0.01 -5.98
N ILE A 68 1.90 0.01 -5.14
CA ILE A 68 0.81 0.96 -5.26
C ILE A 68 0.73 1.72 -3.93
N ALA A 69 1.16 2.98 -3.95
CA ALA A 69 1.13 3.83 -2.76
C ALA A 69 -0.20 4.57 -2.72
N THR A 70 -0.95 4.36 -1.65
CA THR A 70 -2.26 4.99 -1.53
C THR A 70 -2.60 5.33 -0.07
N GLN A 71 -3.73 6.00 0.12
CA GLN A 71 -4.19 6.37 1.45
C GLN A 71 -5.12 5.25 1.92
N GLY A 72 -5.42 5.24 3.21
CA GLY A 72 -6.34 4.25 3.73
C GLY A 72 -7.67 4.64 3.13
N CYS A 73 -8.60 3.69 3.06
CA CYS A 73 -9.91 3.97 2.48
C CYS A 73 -10.74 5.00 3.21
N LEU A 74 -11.51 5.77 2.45
CA LEU A 74 -12.41 6.76 2.99
C LEU A 74 -13.74 6.02 2.86
N GLN A 75 -14.73 6.43 3.63
CA GLN A 75 -16.04 5.81 3.61
C GLN A 75 -16.62 5.74 2.19
N ASN A 76 -16.33 6.76 1.37
CA ASN A 76 -16.84 6.82 0.00
C ASN A 76 -15.88 6.34 -1.08
N THR A 77 -14.71 5.85 -0.69
CA THR A 77 -13.74 5.38 -1.68
C THR A 77 -13.46 3.90 -1.60
N VAL A 78 -14.13 3.21 -0.68
CA VAL A 78 -13.93 1.78 -0.51
C VAL A 78 -14.13 0.98 -1.80
N ASN A 79 -15.19 1.28 -2.54
CA ASN A 79 -15.44 0.55 -3.79
C ASN A 79 -14.34 0.84 -4.81
N ASP A 80 -13.88 2.08 -4.82
CA ASP A 80 -12.82 2.48 -5.74
C ASP A 80 -11.55 1.69 -5.40
N PHE A 81 -11.33 1.51 -4.10
CA PHE A 81 -10.16 0.78 -3.63
C PHE A 81 -10.13 -0.63 -4.19
N TRP A 82 -11.26 -1.32 -4.10
CA TRP A 82 -11.36 -2.69 -4.59
C TRP A 82 -11.31 -2.76 -6.10
N ARG A 83 -11.86 -1.75 -6.77
CA ARG A 83 -11.82 -1.74 -8.22
C ARG A 83 -10.36 -1.65 -8.61
N MET A 84 -9.61 -0.82 -7.90
CA MET A 84 -8.20 -0.67 -8.18
C MET A 84 -7.51 -2.01 -8.01
N VAL A 85 -7.71 -2.62 -6.84
CA VAL A 85 -7.11 -3.92 -6.52
C VAL A 85 -7.42 -4.98 -7.58
N PHE A 86 -8.67 -5.02 -8.03
CA PHE A 86 -9.07 -5.98 -9.04
C PHE A 86 -8.40 -5.69 -10.39
N GLN A 87 -8.56 -4.47 -10.87
CA GLN A 87 -7.98 -4.06 -12.14
C GLN A 87 -6.47 -4.28 -12.23
N GLU A 88 -5.74 -3.77 -11.25
CA GLU A 88 -4.29 -3.90 -11.24
C GLU A 88 -3.79 -5.32 -10.97
N ASN A 89 -4.70 -6.20 -10.57
CA ASN A 89 -4.37 -7.60 -10.30
C ASN A 89 -3.52 -7.80 -9.04
N SER A 90 -3.53 -6.83 -8.15
CA SER A 90 -2.76 -6.93 -6.91
C SER A 90 -3.25 -8.15 -6.14
N ARG A 91 -2.33 -8.82 -5.43
CA ARG A 91 -2.70 -10.00 -4.66
C ARG A 91 -2.21 -9.85 -3.23
N VAL A 92 -1.50 -8.76 -2.96
CA VAL A 92 -0.99 -8.48 -1.62
C VAL A 92 -1.21 -7.04 -1.21
N ILE A 93 -1.74 -6.85 -0.01
CA ILE A 93 -2.00 -5.50 0.52
C ILE A 93 -1.32 -5.31 1.86
N VAL A 94 -0.64 -4.18 1.99
CA VAL A 94 0.06 -3.85 3.22
C VAL A 94 -0.58 -2.65 3.91
N MET A 95 -1.24 -2.90 5.02
CA MET A 95 -1.86 -1.85 5.80
C MET A 95 -0.88 -1.50 6.93
N THR A 96 -0.36 -0.27 6.90
CA THR A 96 0.64 0.13 7.89
C THR A 96 0.08 0.88 9.10
N THR A 97 -1.24 1.01 9.17
CA THR A 97 -1.88 1.71 10.27
C THR A 97 -3.10 0.97 10.82
N LYS A 98 -3.53 1.38 12.01
CA LYS A 98 -4.73 0.82 12.59
C LYS A 98 -5.81 1.58 11.82
N GLU A 99 -7.08 1.23 12.01
CA GLU A 99 -8.13 1.96 11.32
C GLU A 99 -8.15 3.38 11.88
N VAL A 100 -7.93 3.47 13.18
CA VAL A 100 -7.90 4.74 13.91
C VAL A 100 -6.74 4.77 14.89
N GLU A 101 -5.98 5.86 14.85
CA GLU A 101 -4.85 6.03 15.75
C GLU A 101 -4.94 7.39 16.43
N ARG A 102 -4.81 7.38 17.75
CA ARG A 102 -4.90 8.59 18.55
C ARG A 102 -6.19 9.36 18.23
N GLY A 103 -7.29 8.63 18.17
CA GLY A 103 -8.58 9.25 17.89
C GLY A 103 -8.74 9.85 16.51
N LYS A 104 -7.92 9.41 15.56
CA LYS A 104 -8.00 9.91 14.19
C LYS A 104 -8.08 8.76 13.20
N SER A 105 -9.05 8.84 12.30
CA SER A 105 -9.26 7.80 11.29
C SER A 105 -8.18 7.86 10.21
N LYS A 106 -7.54 6.72 9.96
CA LYS A 106 -6.50 6.64 8.95
C LYS A 106 -6.93 5.74 7.79
N CYS A 107 -7.93 4.91 8.06
CA CYS A 107 -8.46 4.01 7.05
C CYS A 107 -9.76 3.39 7.53
N VAL A 108 -10.78 3.43 6.69
CA VAL A 108 -12.08 2.85 7.02
C VAL A 108 -12.01 1.34 6.78
N LYS A 109 -12.79 0.58 7.53
CA LYS A 109 -12.80 -0.87 7.36
C LYS A 109 -13.28 -1.20 5.95
N TYR A 110 -12.38 -1.75 5.12
CA TYR A 110 -12.73 -2.08 3.74
C TYR A 110 -12.73 -3.59 3.46
N TRP A 111 -12.65 -4.37 4.52
CA TRP A 111 -12.67 -5.82 4.42
C TRP A 111 -13.77 -6.31 5.34
N PRO A 112 -14.38 -7.46 5.04
CA PRO A 112 -15.46 -8.00 5.87
C PRO A 112 -14.95 -8.65 7.16
N ASP A 113 -15.85 -8.78 8.15
CA ASP A 113 -15.49 -9.41 9.41
C ASP A 113 -15.14 -10.87 9.18
N GLU A 114 -14.55 -11.52 10.19
CA GLU A 114 -14.15 -12.91 10.07
C GLU A 114 -15.24 -13.83 9.52
N TYR A 115 -14.85 -14.64 8.53
CA TYR A 115 -15.74 -15.61 7.88
C TYR A 115 -16.94 -14.99 7.17
N ALA A 116 -16.96 -13.67 7.06
CA ALA A 116 -18.07 -13.00 6.40
C ALA A 116 -17.70 -12.57 4.99
N LEU A 117 -18.65 -11.98 4.28
CA LEU A 117 -18.40 -11.51 2.93
C LEU A 117 -19.33 -10.35 2.61
N LYS A 118 -18.77 -9.32 1.98
CA LYS A 118 -19.55 -8.15 1.62
C LYS A 118 -19.38 -7.86 0.14
N GLU A 119 -20.31 -7.12 -0.41
CA GLU A 119 -20.23 -6.73 -1.80
C GLU A 119 -20.00 -5.23 -1.83
N TYR A 120 -18.85 -4.83 -2.36
CA TYR A 120 -18.49 -3.42 -2.46
C TYR A 120 -18.71 -3.08 -3.93
N GLY A 121 -19.88 -2.55 -4.23
CA GLY A 121 -20.17 -2.24 -5.62
C GLY A 121 -20.31 -3.55 -6.37
N VAL A 122 -19.52 -3.72 -7.42
CA VAL A 122 -19.59 -4.95 -8.22
C VAL A 122 -18.54 -5.94 -7.76
N MET A 123 -17.87 -5.63 -6.66
CA MET A 123 -16.83 -6.50 -6.12
C MET A 123 -17.24 -7.27 -4.87
N ARG A 124 -17.09 -8.58 -4.92
CA ARG A 124 -17.44 -9.45 -3.80
C ARG A 124 -16.17 -9.84 -3.05
N VAL A 125 -16.17 -9.63 -1.74
CA VAL A 125 -15.02 -9.96 -0.91
C VAL A 125 -15.41 -10.92 0.21
N ARG A 126 -14.74 -12.06 0.25
CA ARG A 126 -14.99 -13.05 1.28
C ARG A 126 -13.78 -13.18 2.20
N ASN A 127 -13.99 -12.96 3.49
CA ASN A 127 -12.92 -13.07 4.47
C ASN A 127 -12.79 -14.55 4.81
N VAL A 128 -11.85 -15.22 4.14
CA VAL A 128 -11.62 -16.65 4.31
C VAL A 128 -10.99 -17.06 5.64
N LYS A 129 -9.95 -16.35 6.06
CA LYS A 129 -9.30 -16.69 7.33
C LYS A 129 -8.42 -15.56 7.84
N GLU A 130 -8.41 -15.39 9.15
CA GLU A 130 -7.60 -14.37 9.81
C GLU A 130 -6.63 -15.03 10.77
N SER A 131 -5.35 -14.71 10.64
CA SER A 131 -4.33 -15.27 11.53
C SER A 131 -3.37 -14.18 12.01
N ALA A 132 -3.05 -14.22 13.29
CA ALA A 132 -2.17 -13.24 13.89
C ALA A 132 -0.70 -13.67 14.00
N ALA A 133 0.16 -12.67 14.08
CA ALA A 133 1.59 -12.85 14.22
C ALA A 133 1.98 -11.76 15.22
N HIS A 134 3.25 -11.67 15.59
CA HIS A 134 3.67 -10.67 16.55
C HIS A 134 3.22 -9.24 16.26
N ASP A 135 3.69 -8.69 15.13
CA ASP A 135 3.38 -7.32 14.74
C ASP A 135 2.25 -7.17 13.73
N TYR A 136 1.58 -8.26 13.34
CA TYR A 136 0.56 -8.10 12.33
C TYR A 136 -0.48 -9.22 12.23
N THR A 137 -1.52 -8.95 11.46
CA THR A 137 -2.58 -9.91 11.24
C THR A 137 -2.65 -10.15 9.74
N LEU A 138 -2.81 -11.42 9.37
CA LEU A 138 -2.91 -11.77 7.97
C LEU A 138 -4.34 -12.14 7.68
N ARG A 139 -4.91 -11.50 6.66
CA ARG A 139 -6.28 -11.80 6.29
C ARG A 139 -6.31 -12.35 4.88
N GLU A 140 -6.78 -13.59 4.75
CA GLU A 140 -6.88 -14.22 3.45
C GLU A 140 -8.28 -13.86 2.96
N LEU A 141 -8.34 -13.12 1.86
CA LEU A 141 -9.62 -12.70 1.31
C LEU A 141 -9.76 -13.15 -0.13
N LYS A 142 -11.01 -13.33 -0.59
CA LYS A 142 -11.26 -13.71 -1.97
C LYS A 142 -11.98 -12.57 -2.66
N LEU A 143 -11.39 -12.08 -3.73
CA LEU A 143 -11.97 -10.99 -4.50
C LEU A 143 -12.48 -11.50 -5.83
N SER A 144 -13.68 -11.08 -6.22
CA SER A 144 -14.26 -11.49 -7.48
C SER A 144 -15.27 -10.46 -7.93
N LYS A 145 -15.61 -10.49 -9.21
CA LYS A 145 -16.59 -9.57 -9.75
C LYS A 145 -17.95 -10.26 -9.70
N VAL A 146 -18.90 -9.64 -9.01
CA VAL A 146 -20.25 -10.17 -8.86
C VAL A 146 -20.82 -10.74 -10.17
N GLY A 147 -21.45 -11.91 -10.06
CA GLY A 147 -22.05 -12.55 -11.22
C GLY A 147 -21.06 -13.23 -12.13
N GLN A 148 -19.77 -12.95 -11.93
CA GLN A 148 -18.70 -13.53 -12.73
C GLN A 148 -17.69 -14.21 -11.82
N GLY A 149 -18.09 -15.30 -11.18
CA GLY A 149 -17.18 -16.01 -10.29
C GLY A 149 -16.08 -16.75 -11.05
N ASN A 150 -15.64 -16.14 -12.15
CA ASN A 150 -14.59 -16.71 -12.99
C ASN A 150 -13.45 -15.68 -13.03
N THR A 151 -13.48 -14.79 -12.04
CA THR A 151 -12.49 -13.73 -11.95
C THR A 151 -11.93 -13.68 -10.52
N GLU A 152 -12.38 -14.61 -9.69
CA GLU A 152 -11.95 -14.67 -8.30
C GLU A 152 -10.45 -14.91 -8.16
N ARG A 153 -9.88 -14.28 -7.15
CA ARG A 153 -8.47 -14.42 -6.83
C ARG A 153 -8.32 -14.13 -5.36
N THR A 154 -7.27 -14.66 -4.78
CA THR A 154 -7.02 -14.45 -3.37
C THR A 154 -6.15 -13.22 -3.18
N VAL A 155 -6.53 -12.38 -2.24
CA VAL A 155 -5.74 -11.19 -1.98
C VAL A 155 -5.30 -11.31 -0.54
N TRP A 156 -3.99 -11.27 -0.32
CA TRP A 156 -3.46 -11.41 1.02
C TRP A 156 -3.22 -10.04 1.64
N GLN A 157 -3.96 -9.76 2.71
CA GLN A 157 -3.81 -8.50 3.41
C GLN A 157 -2.92 -8.63 4.64
N TYR A 158 -1.79 -7.93 4.62
CA TYR A 158 -0.87 -7.94 5.75
C TYR A 158 -1.11 -6.68 6.55
N HIS A 159 -1.72 -6.84 7.73
CA HIS A 159 -2.03 -5.71 8.58
C HIS A 159 -1.06 -5.50 9.73
N PHE A 160 -0.11 -4.57 9.54
CA PHE A 160 0.86 -4.24 10.57
C PHE A 160 0.05 -3.45 11.60
N ARG A 161 0.15 -3.81 12.87
CA ARG A 161 -0.66 -3.08 13.84
C ARG A 161 0.06 -2.58 15.09
N THR A 162 1.34 -2.90 15.23
CA THR A 162 2.09 -2.46 16.41
C THR A 162 2.87 -1.17 16.23
N TRP A 163 2.79 -0.54 15.08
CA TRP A 163 3.51 0.71 14.85
C TRP A 163 3.11 1.68 15.96
N PRO A 164 4.10 2.33 16.59
CA PRO A 164 3.88 3.29 17.67
C PRO A 164 3.05 4.53 17.33
N ASP A 165 2.20 4.92 18.28
CA ASP A 165 1.33 6.08 18.11
C ASP A 165 2.15 7.34 17.82
N HIS A 166 3.37 7.38 18.37
CA HIS A 166 4.26 8.51 18.14
C HIS A 166 5.59 8.02 17.60
N GLY A 167 6.14 8.74 16.63
CA GLY A 167 7.40 8.37 16.04
C GLY A 167 7.38 7.07 15.27
N VAL A 168 8.51 6.38 15.26
CA VAL A 168 8.63 5.11 14.56
C VAL A 168 9.11 4.02 15.51
N PRO A 169 9.13 2.76 15.04
CA PRO A 169 9.60 1.67 15.90
C PRO A 169 11.06 1.96 16.28
N SER A 170 11.44 1.67 17.51
CA SER A 170 12.80 1.93 17.97
C SER A 170 13.80 0.92 17.39
N ASP A 171 13.27 -0.21 16.96
CA ASP A 171 14.08 -1.27 16.36
C ASP A 171 13.42 -1.66 15.04
N PRO A 172 14.23 -1.91 13.99
CA PRO A 172 13.71 -2.29 12.67
C PRO A 172 13.30 -3.75 12.55
N GLY A 173 13.73 -4.58 13.50
CA GLY A 173 13.40 -6.00 13.49
C GLY A 173 12.00 -6.37 13.01
N GLY A 174 10.98 -5.78 13.64
CA GLY A 174 9.61 -6.10 13.27
C GLY A 174 9.27 -5.89 11.81
N VAL A 175 9.52 -4.69 11.32
CA VAL A 175 9.23 -4.34 9.93
C VAL A 175 9.96 -5.26 8.95
N LEU A 176 11.21 -5.57 9.24
CA LEU A 176 11.99 -6.44 8.38
C LEU A 176 11.39 -7.84 8.32
N ASP A 177 11.10 -8.42 9.47
CA ASP A 177 10.51 -9.75 9.51
C ASP A 177 9.16 -9.70 8.78
N PHE A 178 8.48 -8.57 8.93
CA PHE A 178 7.20 -8.36 8.28
C PHE A 178 7.38 -8.38 6.76
N LEU A 179 8.27 -7.53 6.26
CA LEU A 179 8.52 -7.44 4.81
C LEU A 179 9.10 -8.70 4.18
N GLU A 180 9.76 -9.54 4.98
CA GLU A 180 10.34 -10.76 4.44
C GLU A 180 9.15 -11.66 4.07
N GLU A 181 8.18 -11.69 4.97
CA GLU A 181 6.97 -12.46 4.78
C GLU A 181 6.21 -11.95 3.55
N VAL A 182 5.88 -10.66 3.55
CA VAL A 182 5.16 -10.07 2.42
C VAL A 182 5.90 -10.43 1.14
N HIS A 183 7.22 -10.39 1.21
CA HIS A 183 8.07 -10.70 0.07
C HIS A 183 7.83 -12.08 -0.51
N HIS A 184 7.99 -13.12 0.30
CA HIS A 184 7.80 -14.47 -0.18
C HIS A 184 6.36 -14.76 -0.57
N LYS A 185 5.42 -14.06 0.04
CA LYS A 185 4.02 -14.26 -0.30
C LYS A 185 3.80 -13.77 -1.74
N GLN A 186 4.34 -12.59 -2.03
CA GLN A 186 4.23 -11.99 -3.36
C GLN A 186 4.88 -12.85 -4.45
N GLU A 187 6.02 -13.46 -4.13
CA GLU A 187 6.71 -14.30 -5.11
C GLU A 187 6.12 -15.70 -5.25
N SER A 188 5.16 -16.04 -4.40
CA SER A 188 4.54 -17.37 -4.46
C SER A 188 3.27 -17.35 -5.32
N ILE A 189 2.91 -16.16 -5.78
CA ILE A 189 1.72 -15.99 -6.60
C ILE A 189 2.16 -15.63 -8.00
N MET A 190 1.84 -16.50 -8.96
CA MET A 190 2.22 -16.28 -10.35
C MET A 190 1.77 -14.93 -10.89
N ASP A 191 2.75 -14.16 -11.37
CA ASP A 191 2.51 -12.85 -11.96
C ASP A 191 1.53 -11.94 -11.22
N ALA A 192 1.67 -11.90 -9.89
CA ALA A 192 0.81 -11.05 -9.07
C ALA A 192 1.05 -9.60 -9.46
N GLY A 193 0.01 -8.78 -9.33
CA GLY A 193 0.14 -7.38 -9.68
C GLY A 193 0.97 -6.58 -8.68
N PRO A 194 0.93 -5.25 -8.73
CA PRO A 194 1.69 -4.41 -7.81
C PRO A 194 1.30 -4.64 -6.34
N VAL A 195 2.24 -4.44 -5.43
CA VAL A 195 1.94 -4.61 -4.00
C VAL A 195 1.36 -3.29 -3.46
N VAL A 196 0.13 -3.34 -2.98
CA VAL A 196 -0.53 -2.15 -2.45
C VAL A 196 -0.05 -1.83 -1.04
N VAL A 197 0.38 -0.60 -0.84
CA VAL A 197 0.84 -0.16 0.48
C VAL A 197 0.04 1.08 0.86
N HIS A 198 -0.47 1.13 2.09
CA HIS A 198 -1.24 2.31 2.47
C HIS A 198 -1.24 2.66 3.95
N CYS A 199 -1.22 3.96 4.22
CA CYS A 199 -1.25 4.50 5.57
C CYS A 199 -2.32 5.61 5.52
N SER A 200 -2.27 6.58 6.43
CA SER A 200 -3.31 7.61 6.43
C SER A 200 -3.34 8.47 5.16
N ALA A 201 -2.18 8.93 4.70
CA ALA A 201 -2.14 9.76 3.50
C ALA A 201 -1.42 9.04 2.36
N GLY A 202 -0.87 7.87 2.68
CA GLY A 202 -0.16 7.11 1.67
C GLY A 202 1.18 7.69 1.26
N ILE A 203 1.81 8.46 2.13
CA ILE A 203 3.11 9.04 1.80
C ILE A 203 4.18 8.86 2.87
N GLY A 204 3.82 9.12 4.13
CA GLY A 204 4.78 9.01 5.22
C GLY A 204 5.18 7.59 5.57
N ARG A 205 4.32 6.92 6.34
CA ARG A 205 4.59 5.55 6.75
C ARG A 205 4.65 4.69 5.49
N THR A 206 3.75 4.94 4.54
CA THR A 206 3.71 4.20 3.29
C THR A 206 5.03 4.31 2.52
N GLY A 207 5.59 5.51 2.42
CA GLY A 207 6.84 5.68 1.70
C GLY A 207 7.99 4.93 2.34
N THR A 208 8.06 5.00 3.67
CA THR A 208 9.11 4.34 4.44
C THR A 208 9.16 2.84 4.13
N PHE A 209 8.02 2.15 4.20
CA PHE A 209 8.01 0.72 3.92
C PHE A 209 8.52 0.43 2.51
N ILE A 210 7.95 1.11 1.51
CA ILE A 210 8.33 0.90 0.13
C ILE A 210 9.81 1.14 -0.11
N VAL A 211 10.32 2.26 0.40
CA VAL A 211 11.73 2.57 0.22
C VAL A 211 12.57 1.44 0.81
N ILE A 212 12.19 0.99 2.00
CA ILE A 212 12.90 -0.09 2.67
C ILE A 212 12.82 -1.36 1.82
N ASP A 213 11.59 -1.75 1.48
CA ASP A 213 11.39 -2.96 0.68
C ASP A 213 12.21 -2.90 -0.60
N ILE A 214 12.28 -1.72 -1.21
CA ILE A 214 13.05 -1.54 -2.43
C ILE A 214 14.54 -1.81 -2.17
N LEU A 215 15.12 -1.11 -1.20
CA LEU A 215 16.53 -1.28 -0.87
C LEU A 215 16.88 -2.72 -0.48
N ILE A 216 15.95 -3.40 0.20
CA ILE A 216 16.16 -4.77 0.63
C ILE A 216 16.17 -5.77 -0.53
N ASP A 217 15.39 -5.50 -1.57
CA ASP A 217 15.38 -6.41 -2.70
C ASP A 217 16.70 -6.29 -3.47
N ILE A 218 17.32 -5.11 -3.38
CA ILE A 218 18.60 -4.88 -4.04
C ILE A 218 19.64 -5.73 -3.34
N ILE A 219 19.70 -5.60 -2.01
CA ILE A 219 20.63 -6.37 -1.20
C ILE A 219 20.37 -7.85 -1.43
N ARG A 220 19.26 -8.15 -2.09
CA ARG A 220 18.89 -9.52 -2.42
C ARG A 220 19.53 -9.96 -3.74
N GLU A 221 19.24 -9.23 -4.82
CA GLU A 221 19.79 -9.57 -6.13
C GLU A 221 21.29 -9.30 -6.15
N LYS A 222 21.69 -8.23 -5.46
CA LYS A 222 23.10 -7.87 -5.35
C LYS A 222 23.57 -8.62 -4.11
N GLY A 223 24.48 -8.01 -3.36
CA GLY A 223 24.97 -8.64 -2.15
C GLY A 223 25.08 -7.57 -1.08
N VAL A 224 25.43 -7.96 0.13
CA VAL A 224 25.56 -6.99 1.23
C VAL A 224 26.67 -5.96 1.00
N ASP A 225 27.15 -5.86 -0.25
CA ASP A 225 28.23 -4.90 -0.57
C ASP A 225 27.89 -3.93 -1.69
N CYS A 226 26.79 -4.18 -2.40
CA CYS A 226 26.38 -3.32 -3.51
C CYS A 226 26.27 -1.86 -3.09
N ASP A 227 26.23 -0.97 -4.09
CA ASP A 227 26.10 0.46 -3.82
C ASP A 227 24.66 0.76 -3.42
N ILE A 228 24.48 1.20 -2.19
CA ILE A 228 23.15 1.55 -1.69
C ILE A 228 23.09 3.05 -1.45
N ASP A 229 22.19 3.71 -2.17
CA ASP A 229 22.04 5.16 -2.05
C ASP A 229 20.63 5.53 -1.62
N VAL A 230 20.45 5.75 -0.33
CA VAL A 230 19.14 6.10 0.22
C VAL A 230 18.52 7.36 -0.39
N PRO A 231 19.22 8.50 -0.31
CA PRO A 231 18.66 9.73 -0.88
C PRO A 231 18.23 9.59 -2.34
N LYS A 232 19.01 8.86 -3.13
CA LYS A 232 18.69 8.67 -4.55
C LYS A 232 17.41 7.84 -4.68
N THR A 233 17.30 6.78 -3.87
CA THR A 233 16.12 5.92 -3.91
C THR A 233 14.88 6.70 -3.51
N ILE A 234 15.00 7.47 -2.43
CA ILE A 234 13.88 8.28 -1.97
C ILE A 234 13.48 9.25 -3.07
N GLN A 235 14.44 10.04 -3.52
CA GLN A 235 14.19 11.01 -4.57
C GLN A 235 13.45 10.33 -5.72
N MET A 236 13.94 9.15 -6.09
CA MET A 236 13.36 8.37 -7.19
C MET A 236 11.87 8.05 -6.98
N VAL A 237 11.52 7.59 -5.78
CA VAL A 237 10.11 7.27 -5.49
C VAL A 237 9.25 8.54 -5.41
N ARG A 238 9.84 9.64 -4.98
CA ARG A 238 9.11 10.90 -4.87
C ARG A 238 8.75 11.46 -6.23
N SER A 239 9.48 11.07 -7.26
CA SER A 239 9.19 11.57 -8.61
C SER A 239 7.96 10.84 -9.15
N GLN A 240 7.49 9.85 -8.39
CA GLN A 240 6.33 9.07 -8.76
C GLN A 240 5.17 9.35 -7.80
N ARG A 241 5.50 9.96 -6.66
CA ARG A 241 4.51 10.34 -5.65
C ARG A 241 5.21 11.21 -4.60
N SER A 242 4.86 12.50 -4.57
CA SER A 242 5.48 13.45 -3.65
C SER A 242 5.15 13.23 -2.18
N GLY A 243 6.13 13.46 -1.32
CA GLY A 243 5.93 13.29 0.10
C GLY A 243 6.47 11.99 0.67
N MET A 244 6.70 10.98 -0.18
CA MET A 244 7.22 9.69 0.26
C MET A 244 8.29 9.89 1.32
N VAL A 245 8.00 9.42 2.54
CA VAL A 245 8.91 9.57 3.69
C VAL A 245 8.83 11.04 4.11
N GLN A 246 8.09 11.31 5.18
CA GLN A 246 7.92 12.68 5.64
C GLN A 246 8.65 13.16 6.89
N THR A 247 9.04 12.25 7.78
CA THR A 247 9.75 12.68 8.99
C THR A 247 11.19 12.21 9.07
N GLU A 248 11.94 12.80 9.99
CA GLU A 248 13.34 12.43 10.18
C GLU A 248 13.40 11.07 10.88
N ALA A 249 12.44 10.79 11.76
CA ALA A 249 12.42 9.51 12.45
C ALA A 249 12.26 8.45 11.38
N GLN A 250 11.36 8.71 10.46
CA GLN A 250 11.12 7.78 9.36
C GLN A 250 12.39 7.67 8.53
N TYR A 251 12.97 8.81 8.19
CA TYR A 251 14.18 8.86 7.38
C TYR A 251 15.28 7.99 8.01
N ARG A 252 15.53 8.20 9.30
CA ARG A 252 16.56 7.43 9.99
C ARG A 252 16.16 5.99 10.20
N PHE A 253 14.86 5.72 10.24
CA PHE A 253 14.40 4.36 10.41
C PHE A 253 14.81 3.52 9.20
N ILE A 254 14.80 4.17 8.04
CA ILE A 254 15.17 3.51 6.81
C ILE A 254 16.63 3.09 6.88
N TYR A 255 17.52 4.00 7.27
CA TYR A 255 18.93 3.67 7.39
C TYR A 255 19.07 2.45 8.30
N MET A 256 18.57 2.59 9.54
CA MET A 256 18.62 1.50 10.51
C MET A 256 18.13 0.18 9.92
N ALA A 257 16.97 0.23 9.26
CA ALA A 257 16.39 -0.96 8.66
C ALA A 257 17.39 -1.64 7.74
N VAL A 258 17.97 -0.87 6.82
CA VAL A 258 18.93 -1.40 5.88
C VAL A 258 20.15 -2.02 6.55
N GLN A 259 20.71 -1.32 7.54
CA GLN A 259 21.89 -1.83 8.23
C GLN A 259 21.54 -3.09 9.00
N HIS A 260 20.36 -3.11 9.62
CA HIS A 260 19.90 -4.25 10.38
C HIS A 260 19.79 -5.47 9.47
N TYR A 261 19.23 -5.26 8.28
CA TYR A 261 19.06 -6.35 7.33
C TYR A 261 20.43 -6.92 6.94
N ILE A 262 21.39 -6.04 6.72
CA ILE A 262 22.74 -6.45 6.35
C ILE A 262 23.32 -7.35 7.44
N GLU A 263 23.35 -6.81 8.65
CA GLU A 263 23.89 -7.51 9.82
C GLU A 263 23.16 -8.83 10.09
N THR A 264 21.90 -8.90 9.68
CA THR A 264 21.12 -10.12 9.89
C THR A 264 21.62 -11.22 8.95
N LEU A 265 21.79 -10.88 7.67
CA LEU A 265 22.26 -11.86 6.70
C LEU A 265 23.57 -12.51 7.13
N GLN A 266 24.47 -11.71 7.69
CA GLN A 266 25.75 -12.22 8.16
C GLN A 266 25.55 -13.28 9.25
#